data_9DNU
#
_entry.id   9DNU
#
_cell.length_a   113.666
_cell.length_b   113.666
_cell.length_c   220.001
_cell.angle_alpha   90.000
_cell.angle_beta   90.000
_cell.angle_gamma   90.000
#
_symmetry.space_group_name_H-M   'I 41 2 2'
#
loop_
_entity.id
_entity.type
_entity.pdbx_description
1 polymer 'Papain-like protease nsp3'
2 non-polymer 2-methyl-5-[(1R,5S)-8-methyl-3,8-diazabicyclo[3.2.1]octan-3-yl]-N-{(1R)-1-[(2P)-2-(1-methyl-1H-pyrazol-4-yl)quinolin-4-yl]ethyl}benzamide
3 non-polymer 'ACETATE ION'
4 non-polymer 'ZINC ION'
5 non-polymer 'CHLORIDE ION'
6 non-polymer 1,2-ETHANEDIOL
7 water water
#
_entity_poly.entity_id   1
_entity_poly.type   'polypeptide(L)'
_entity_poly.pdbx_seq_one_letter_code
;SNAEVRTIKVFTTVDNINLHTQVVDMSMTYGQQFGPTYLDGADVTKIKPHNSHEGKTFYVLPNDDTLRVEAFEYYHTTDP
SFLGRYMSALNHTKKWKYPQVNGLTSIKWADNNCYLATALLTLQQIELKFNPPALQDAYYRARAGEAANFCALILAYCNK
TVGELGDVRETMSYLFQHANLDSCKRVLNVVCKTCGQQQTTLKGVEAVMYMGTLSYEQFKKGVQIPCTCGKQATKYLVQQ
ESPFVMMSAPPAQYELKHGTFTCASEYTGNYQCGHYKHITSKETLYCIDGALLTKSSEYKGPITDVFYKENSYTTTIK
;
_entity_poly.pdbx_strand_id   A
#
# COMPACT_ATOMS: atom_id res chain seq x y z
N THR A 7 -22.14 -9.90 35.34
CA THR A 7 -22.09 -8.93 34.26
C THR A 7 -20.78 -8.14 34.30
N ILE A 8 -20.35 -7.66 33.12
CA ILE A 8 -19.18 -6.81 32.99
C ILE A 8 -19.54 -5.63 32.08
N LYS A 9 -18.75 -4.57 32.20
CA LYS A 9 -18.92 -3.37 31.39
C LYS A 9 -17.79 -3.28 30.36
N VAL A 10 -18.14 -2.91 29.13
CA VAL A 10 -17.19 -2.81 28.04
C VAL A 10 -17.55 -1.61 27.16
N PHE A 11 -16.62 -1.25 26.28
CA PHE A 11 -16.86 -0.31 25.20
C PHE A 11 -16.84 -1.05 23.87
N THR A 12 -17.80 -0.74 23.01
CA THR A 12 -17.80 -1.21 21.63
C THR A 12 -17.48 -0.06 20.70
N THR A 13 -16.91 -0.38 19.55
CA THR A 13 -16.53 0.66 18.60
C THR A 13 -16.37 0.02 17.23
N VAL A 14 -16.42 0.86 16.20
CA VAL A 14 -15.98 0.44 14.87
C VAL A 14 -14.72 1.16 14.42
N ASP A 15 -14.31 2.23 15.10
CA ASP A 15 -13.16 3.02 14.66
C ASP A 15 -12.13 3.24 15.75
N ASN A 16 -12.37 2.73 16.96
CA ASN A 16 -11.49 2.96 18.10
C ASN A 16 -11.32 4.45 18.40
N ILE A 17 -12.36 5.24 18.08
CA ILE A 17 -12.38 6.67 18.38
C ILE A 17 -13.64 7.03 19.13
N ASN A 18 -14.80 6.81 18.48
CA ASN A 18 -16.09 6.93 19.14
C ASN A 18 -16.35 5.62 19.89
N LEU A 19 -16.31 5.67 21.22
CA LEU A 19 -16.54 4.48 22.03
C LEU A 19 -17.95 4.51 22.62
N HIS A 20 -18.59 3.33 22.67
CA HIS A 20 -19.97 3.20 23.12
C HIS A 20 -20.01 2.33 24.35
N THR A 21 -20.54 2.87 25.44
CA THR A 21 -20.57 2.14 26.69
C THR A 21 -21.66 1.05 26.64
N GLN A 22 -21.31 -0.15 27.06
CA GLN A 22 -22.21 -1.29 26.99
C GLN A 22 -22.01 -2.17 28.22
N VAL A 23 -23.10 -2.83 28.63
CA VAL A 23 -23.04 -3.80 29.77
C VAL A 23 -23.43 -5.16 29.21
N VAL A 24 -22.64 -6.19 29.49
CA VAL A 24 -22.84 -7.53 28.95
C VAL A 24 -23.22 -8.49 30.08
N ASP A 25 -23.92 -9.56 29.71
CA ASP A 25 -24.18 -10.66 30.62
C ASP A 25 -23.08 -11.70 30.44
N MET A 26 -22.49 -12.15 31.56
CA MET A 26 -21.32 -13.01 31.49
C MET A 26 -21.64 -14.44 31.05
N SER A 27 -22.92 -14.79 30.92
CA SER A 27 -23.32 -16.12 30.46
C SER A 27 -23.75 -16.13 29.00
N MET A 28 -23.62 -15.00 28.30
CA MET A 28 -24.06 -14.86 26.91
C MET A 28 -22.86 -14.47 26.07
N THR A 29 -22.54 -15.27 25.05
CA THR A 29 -21.42 -14.95 24.18
C THR A 29 -21.65 -13.60 23.52
N TYR A 30 -20.54 -12.95 23.15
CA TYR A 30 -20.62 -11.63 22.53
C TYR A 30 -21.47 -11.64 21.28
N GLY A 31 -21.44 -12.74 20.53
CA GLY A 31 -22.19 -12.81 19.28
C GLY A 31 -23.68 -12.64 19.45
N GLN A 32 -24.24 -13.14 20.56
CA GLN A 32 -25.67 -12.99 20.79
C GLN A 32 -26.04 -11.61 21.30
N GLN A 33 -25.11 -10.89 21.90
CA GLN A 33 -25.39 -9.56 22.44
C GLN A 33 -25.00 -8.43 21.50
N PHE A 34 -23.87 -8.56 20.79
CA PHE A 34 -23.37 -7.49 19.94
C PHE A 34 -23.33 -7.84 18.45
N GLY A 35 -23.36 -9.11 18.10
CA GLY A 35 -23.03 -9.52 16.76
C GLY A 35 -21.57 -9.93 16.73
N PRO A 36 -20.98 -10.02 15.54
CA PRO A 36 -19.55 -10.32 15.45
C PRO A 36 -18.71 -9.30 16.22
N THR A 37 -17.87 -9.81 17.13
CA THR A 37 -17.10 -9.01 18.06
C THR A 37 -15.67 -9.47 18.03
N TYR A 38 -14.73 -8.53 18.14
CA TYR A 38 -13.31 -8.83 18.04
C TYR A 38 -12.56 -8.12 19.14
N LEU A 39 -11.44 -8.73 19.54
CA LEU A 39 -10.51 -8.17 20.51
C LEU A 39 -9.11 -8.28 19.92
N ASP A 40 -8.53 -7.14 19.57
CA ASP A 40 -7.17 -7.08 19.06
C ASP A 40 -7.00 -8.02 17.86
N GLY A 41 -8.02 -8.06 17.00
CA GLY A 41 -8.01 -8.92 15.85
C GLY A 41 -8.59 -10.30 16.08
N ALA A 42 -8.73 -10.73 17.33
CA ALA A 42 -9.15 -12.10 17.64
C ALA A 42 -10.67 -12.18 17.63
N ASP A 43 -11.22 -13.09 16.82
CA ASP A 43 -12.67 -13.29 16.76
C ASP A 43 -13.17 -13.85 18.08
N VAL A 44 -13.88 -13.03 18.84
CA VAL A 44 -14.45 -13.42 20.13
C VAL A 44 -15.97 -13.49 20.06
N THR A 45 -16.52 -13.68 18.86
CA THR A 45 -17.97 -13.78 18.70
C THR A 45 -18.54 -14.92 19.53
N LYS A 46 -18.02 -16.12 19.32
CA LYS A 46 -18.54 -17.33 19.97
C LYS A 46 -17.88 -17.55 21.33
N ILE A 47 -17.46 -16.47 21.97
CA ILE A 47 -16.78 -16.53 23.27
C ILE A 47 -17.62 -15.76 24.28
N LYS A 48 -17.72 -16.30 25.50
CA LYS A 48 -18.44 -15.64 26.56
C LYS A 48 -17.57 -14.58 27.22
N PRO A 49 -18.16 -13.58 27.88
CA PRO A 49 -17.35 -12.55 28.55
C PRO A 49 -16.52 -13.15 29.68
N HIS A 50 -15.31 -12.65 29.84
CA HIS A 50 -14.42 -13.00 30.93
C HIS A 50 -14.30 -11.82 31.88
N ASN A 51 -13.58 -12.05 32.98
CA ASN A 51 -13.35 -10.97 33.95
C ASN A 51 -12.22 -10.05 33.51
N SER A 52 -11.19 -10.59 32.84
CA SER A 52 -10.16 -9.76 32.22
C SER A 52 -10.70 -8.94 31.06
N HIS A 53 -11.93 -9.21 30.62
CA HIS A 53 -12.58 -8.45 29.55
C HIS A 53 -13.30 -7.21 30.06
N GLU A 54 -13.36 -7.00 31.37
CA GLU A 54 -13.97 -5.79 31.90
C GLU A 54 -13.20 -4.57 31.45
N GLY A 55 -13.91 -3.58 30.91
CA GLY A 55 -13.35 -2.30 30.53
C GLY A 55 -12.74 -2.24 29.14
N LYS A 56 -12.27 -3.38 28.62
CA LYS A 56 -11.64 -3.40 27.31
C LYS A 56 -12.60 -2.96 26.21
N THR A 57 -12.03 -2.44 25.13
CA THR A 57 -12.79 -1.97 23.98
C THR A 57 -12.81 -3.05 22.91
N PHE A 58 -13.99 -3.35 22.38
CA PHE A 58 -14.14 -4.36 21.35
C PHE A 58 -14.60 -3.71 20.06
N TYR A 59 -14.09 -4.23 18.95
CA TYR A 59 -14.59 -3.86 17.63
C TYR A 59 -15.84 -4.68 17.32
N VAL A 60 -16.87 -4.01 16.80
CA VAL A 60 -18.10 -4.70 16.42
C VAL A 60 -18.45 -4.37 14.98
N LEU A 61 -19.09 -5.32 14.32
CA LEU A 61 -19.57 -5.07 12.95
C LEU A 61 -20.76 -4.13 13.08
N PRO A 62 -20.86 -3.06 12.28
CA PRO A 62 -21.94 -2.08 12.45
C PRO A 62 -23.31 -2.75 12.39
N ASN A 63 -24.13 -2.51 13.42
CA ASN A 63 -25.48 -3.04 13.49
C ASN A 63 -26.55 -1.99 13.71
N ASP A 64 -26.20 -0.70 13.70
CA ASP A 64 -27.17 0.37 13.63
C ASP A 64 -26.59 1.48 12.76
N ASP A 65 -27.42 2.47 12.46
CA ASP A 65 -27.02 3.48 11.49
C ASP A 65 -25.89 4.36 12.01
N THR A 66 -25.83 4.59 13.32
CA THR A 66 -24.75 5.39 13.88
C THR A 66 -23.40 4.73 13.62
N LEU A 67 -23.31 3.41 13.83
CA LEU A 67 -22.06 2.71 13.60
C LEU A 67 -21.75 2.60 12.11
N ARG A 68 -22.78 2.46 11.27
CA ARG A 68 -22.53 2.39 9.83
C ARG A 68 -21.91 3.69 9.33
N VAL A 69 -22.44 4.82 9.77
CA VAL A 69 -21.90 6.13 9.37
C VAL A 69 -20.49 6.30 9.93
N GLU A 70 -20.29 5.93 11.19
CA GLU A 70 -18.94 6.00 11.76
C GLU A 70 -17.97 5.12 10.99
N ALA A 71 -18.41 3.93 10.59
CA ALA A 71 -17.54 3.00 9.85
C ALA A 71 -17.14 3.58 8.51
N PHE A 72 -18.09 4.14 7.77
CA PHE A 72 -17.75 4.76 6.50
C PHE A 72 -16.79 5.92 6.69
N GLU A 73 -17.04 6.75 7.69
CA GLU A 73 -16.20 7.96 7.86
C GLU A 73 -14.76 7.56 8.16
N TYR A 74 -14.56 6.48 8.93
CA TYR A 74 -13.20 6.07 9.27
C TYR A 74 -12.53 5.30 8.14
N TYR A 75 -13.27 4.39 7.48
CA TYR A 75 -12.67 3.46 6.51
C TYR A 75 -12.99 3.78 5.06
N HIS A 76 -14.00 4.60 4.81
CA HIS A 76 -14.47 4.90 3.46
C HIS A 76 -14.95 3.66 2.73
N THR A 77 -15.53 2.70 3.45
CA THR A 77 -16.18 1.57 2.81
C THR A 77 -17.45 1.22 3.57
N THR A 78 -18.43 0.68 2.84
CA THR A 78 -19.63 0.13 3.45
C THR A 78 -19.66 -1.40 3.38
N ASP A 79 -18.62 -2.02 2.81
CA ASP A 79 -18.45 -3.46 2.68
C ASP A 79 -18.56 -4.14 4.04
N PRO A 80 -19.61 -4.94 4.26
CA PRO A 80 -19.78 -5.59 5.57
C PRO A 80 -18.69 -6.61 5.87
N SER A 81 -17.94 -7.09 4.87
CA SER A 81 -16.85 -8.01 5.16
C SER A 81 -15.55 -7.31 5.57
N PHE A 82 -15.44 -5.99 5.40
CA PHE A 82 -14.15 -5.33 5.58
C PHE A 82 -13.64 -5.52 7.00
N LEU A 83 -14.51 -5.32 8.00
CA LEU A 83 -14.05 -5.40 9.37
C LEU A 83 -13.45 -6.75 9.68
N GLY A 84 -14.10 -7.84 9.24
CA GLY A 84 -13.59 -9.17 9.53
C GLY A 84 -12.31 -9.48 8.79
N ARG A 85 -12.21 -9.09 7.52
CA ARG A 85 -10.95 -9.25 6.82
C ARG A 85 -9.83 -8.47 7.50
N TYR A 86 -10.13 -7.26 7.94
CA TYR A 86 -9.15 -6.44 8.64
C TYR A 86 -8.71 -7.11 9.93
N MET A 87 -9.69 -7.55 10.73
CA MET A 87 -9.34 -8.18 12.00
C MET A 87 -8.61 -9.50 11.81
N SER A 88 -8.94 -10.25 10.76
CA SER A 88 -8.24 -11.50 10.50
CA SER A 88 -8.24 -11.50 10.51
C SER A 88 -6.78 -11.24 10.17
N ALA A 89 -6.51 -10.23 9.33
CA ALA A 89 -5.13 -9.87 9.03
C ALA A 89 -4.40 -9.38 10.27
N LEU A 90 -5.03 -8.47 11.03
CA LEU A 90 -4.38 -7.90 12.21
C LEU A 90 -3.93 -8.99 13.16
N ASN A 91 -4.73 -10.05 13.29
CA ASN A 91 -4.41 -11.18 14.17
C ASN A 91 -3.02 -11.77 13.87
N HIS A 92 -2.61 -11.79 12.60
CA HIS A 92 -1.23 -12.16 12.25
C HIS A 92 -0.29 -10.96 12.34
N THR A 93 -0.65 -9.81 11.77
CA THR A 93 0.36 -8.76 11.63
C THR A 93 0.84 -8.23 12.97
N LYS A 94 -0.02 -8.25 14.00
CA LYS A 94 0.41 -7.85 15.34
C LYS A 94 1.50 -8.78 15.88
N LYS A 95 1.68 -9.97 15.28
CA LYS A 95 2.72 -10.89 15.70
C LYS A 95 4.00 -10.77 14.85
N TRP A 96 3.95 -10.08 13.73
CA TRP A 96 5.17 -9.82 12.98
C TRP A 96 6.09 -8.85 13.75
N LYS A 97 7.38 -8.87 13.39
CA LYS A 97 8.35 -7.90 13.90
C LYS A 97 8.61 -6.79 12.87
N TYR A 98 8.78 -5.56 13.36
CA TYR A 98 8.95 -4.38 12.51
C TYR A 98 10.25 -3.67 12.85
N PRO A 99 11.39 -4.24 12.45
CA PRO A 99 12.68 -3.62 12.81
C PRO A 99 12.92 -2.34 12.02
N GLN A 100 13.56 -1.37 12.67
CA GLN A 100 14.07 -0.20 11.95
C GLN A 100 15.34 -0.60 11.18
N VAL A 101 15.35 -0.32 9.89
CA VAL A 101 16.48 -0.66 9.03
C VAL A 101 16.81 0.59 8.25
N ASN A 102 18.01 1.17 8.49
CA ASN A 102 18.46 2.33 7.74
C ASN A 102 17.48 3.50 7.90
N GLY A 103 16.97 3.66 9.13
CA GLY A 103 15.98 4.69 9.40
C GLY A 103 14.59 4.42 8.88
N LEU A 104 14.28 3.22 8.40
CA LEU A 104 12.98 2.91 7.82
C LEU A 104 12.37 1.73 8.56
N THR A 105 11.04 1.77 8.75
CA THR A 105 10.34 0.63 9.33
C THR A 105 10.21 -0.46 8.27
N SER A 106 10.80 -1.61 8.55
CA SER A 106 10.69 -2.77 7.68
C SER A 106 9.83 -3.83 8.38
N ILE A 107 9.81 -5.05 7.81
CA ILE A 107 9.12 -6.19 8.40
C ILE A 107 10.01 -7.41 8.34
N LYS A 108 10.18 -8.09 9.46
CA LYS A 108 10.86 -9.37 9.48
C LYS A 108 10.06 -10.42 8.70
N TRP A 109 10.77 -11.29 7.99
CA TRP A 109 10.14 -12.26 7.08
C TRP A 109 9.13 -13.15 7.81
N ALA A 110 7.94 -13.31 7.20
CA ALA A 110 6.86 -14.15 7.70
C ALA A 110 5.74 -14.20 6.67
N ASP A 111 5.08 -15.35 6.56
CA ASP A 111 3.77 -15.47 5.89
C ASP A 111 3.76 -14.79 4.52
N ASN A 112 4.84 -14.98 3.76
CA ASN A 112 5.00 -14.40 2.42
C ASN A 112 4.84 -12.87 2.42
N ASN A 113 5.35 -12.18 3.44
CA ASN A 113 5.10 -10.75 3.54
C ASN A 113 6.15 -9.88 2.84
N CYS A 114 7.05 -10.49 2.04
CA CYS A 114 8.11 -9.71 1.39
C CYS A 114 7.53 -8.54 0.60
N TYR A 115 6.47 -8.78 -0.18
CA TYR A 115 5.89 -7.69 -0.96
C TYR A 115 5.31 -6.59 -0.07
N LEU A 116 4.80 -6.96 1.12
CA LEU A 116 4.29 -5.95 2.03
C LEU A 116 5.42 -5.11 2.63
N ALA A 117 6.52 -5.76 3.00
CA ALA A 117 7.69 -5.01 3.46
C ALA A 117 8.15 -4.02 2.40
N THR A 118 8.23 -4.46 1.14
CA THR A 118 8.69 -3.58 0.08
C THR A 118 7.75 -2.39 -0.11
N ALA A 119 6.44 -2.64 -0.11
CA ALA A 119 5.48 -1.53 -0.19
C ALA A 119 5.61 -0.60 1.01
N LEU A 120 5.67 -1.16 2.21
CA LEU A 120 5.79 -0.36 3.41
C LEU A 120 7.01 0.56 3.34
N LEU A 121 8.14 0.01 2.89
CA LEU A 121 9.37 0.78 2.76
C LEU A 121 9.22 1.88 1.71
N THR A 122 8.62 1.57 0.56
CA THR A 122 8.41 2.57 -0.48
C THR A 122 7.52 3.71 0.01
N LEU A 123 6.47 3.38 0.76
CA LEU A 123 5.52 4.39 1.21
C LEU A 123 6.16 5.41 2.13
N GLN A 124 7.22 5.02 2.85
CA GLN A 124 7.96 5.93 3.71
C GLN A 124 8.89 6.86 2.94
N GLN A 125 8.95 6.73 1.62
CA GLN A 125 9.88 7.52 0.82
C GLN A 125 9.21 8.32 -0.29
N ILE A 126 7.89 8.30 -0.40
CA ILE A 126 7.18 9.10 -1.39
C ILE A 126 6.08 9.87 -0.66
N GLU A 127 5.66 10.98 -1.27
CA GLU A 127 4.70 11.90 -0.66
C GLU A 127 3.28 11.44 -1.00
N LEU A 128 2.51 11.08 0.01
CA LEU A 128 1.20 10.49 -0.23
C LEU A 128 0.26 10.85 0.91
N LYS A 129 -0.96 11.24 0.56
CA LYS A 129 -2.02 11.47 1.55
C LYS A 129 -3.15 10.50 1.28
N PHE A 130 -3.45 9.64 2.26
CA PHE A 130 -4.55 8.69 2.15
C PHE A 130 -5.86 9.36 2.52
N ASN A 131 -6.94 8.99 1.81
CA ASN A 131 -8.26 9.58 2.06
C ASN A 131 -8.97 8.96 3.27
N PRO A 132 -8.97 7.65 3.48
CA PRO A 132 -9.61 7.12 4.70
C PRO A 132 -8.82 7.52 5.93
N PRO A 133 -9.46 8.15 6.92
CA PRO A 133 -8.77 8.42 8.19
C PRO A 133 -8.10 7.20 8.78
N ALA A 134 -8.69 6.01 8.61
CA ALA A 134 -8.09 4.81 9.15
C ALA A 134 -6.72 4.55 8.53
N LEU A 135 -6.61 4.75 7.20
CA LEU A 135 -5.33 4.53 6.53
C LEU A 135 -4.30 5.59 6.89
N GLN A 136 -4.71 6.85 6.93
CA GLN A 136 -3.79 7.93 7.26
C GLN A 136 -3.24 7.77 8.67
N ASP A 137 -4.13 7.51 9.65
CA ASP A 137 -3.69 7.37 11.03
C ASP A 137 -2.70 6.23 11.16
N ALA A 138 -3.00 5.09 10.51
CA ALA A 138 -2.15 3.92 10.62
C ALA A 138 -0.82 4.16 9.92
N TYR A 139 -0.86 4.86 8.79
CA TYR A 139 0.34 5.28 8.06
C TYR A 139 1.30 6.03 8.98
N TYR A 140 0.79 7.07 9.66
CA TYR A 140 1.61 7.83 10.60
C TYR A 140 2.22 6.94 11.67
N ARG A 141 1.38 6.12 12.32
CA ARG A 141 1.90 5.20 13.34
CA ARG A 141 1.93 5.22 13.34
C ARG A 141 2.93 4.25 12.74
N ALA A 142 2.74 3.88 11.46
CA ALA A 142 3.71 2.99 10.82
C ALA A 142 5.07 3.67 10.66
N ARG A 143 5.08 4.92 10.20
CA ARG A 143 6.32 5.67 10.07
C ARG A 143 7.06 5.79 11.40
N ALA A 144 6.33 5.76 12.51
CA ALA A 144 6.91 5.80 13.84
C ALA A 144 7.17 4.42 14.40
N GLY A 145 7.19 3.38 13.57
CA GLY A 145 7.64 2.07 13.99
C GLY A 145 6.56 1.06 14.35
N GLU A 146 5.30 1.49 14.50
CA GLU A 146 4.20 0.60 14.90
C GLU A 146 3.31 0.37 13.67
N ALA A 147 3.66 -0.64 12.88
CA ALA A 147 3.07 -0.81 11.56
C ALA A 147 2.10 -1.98 11.45
N ALA A 148 1.86 -2.73 12.54
CA ALA A 148 0.93 -3.87 12.47
C ALA A 148 -0.42 -3.46 11.89
N ASN A 149 -1.02 -2.40 12.41
CA ASN A 149 -2.36 -2.00 11.96
C ASN A 149 -2.33 -1.53 10.52
N PHE A 150 -1.29 -0.78 10.14
CA PHE A 150 -1.18 -0.33 8.75
C PHE A 150 -1.14 -1.54 7.81
N CYS A 151 -0.33 -2.54 8.12
CA CYS A 151 -0.21 -3.70 7.24
C CYS A 151 -1.51 -4.48 7.16
N ALA A 152 -2.21 -4.64 8.29
CA ALA A 152 -3.50 -5.30 8.26
C ALA A 152 -4.46 -4.55 7.35
N LEU A 153 -4.47 -3.21 7.46
CA LEU A 153 -5.32 -2.39 6.63
C LEU A 153 -4.96 -2.52 5.16
N ILE A 154 -3.67 -2.59 4.84
CA ILE A 154 -3.27 -2.77 3.45
C ILE A 154 -3.87 -4.06 2.90
N LEU A 155 -3.78 -5.15 3.66
CA LEU A 155 -4.32 -6.42 3.22
C LEU A 155 -5.84 -6.31 2.96
N ALA A 156 -6.57 -5.75 3.93
CA ALA A 156 -8.02 -5.63 3.79
C ALA A 156 -8.40 -4.74 2.61
N TYR A 157 -7.71 -3.60 2.45
CA TYR A 157 -8.04 -2.72 1.33
C TYR A 157 -7.68 -3.35 -0.02
N CYS A 158 -6.66 -4.20 -0.06
CA CYS A 158 -6.29 -4.89 -1.29
C CYS A 158 -7.04 -6.20 -1.49
N ASN A 159 -7.93 -6.56 -0.57
CA ASN A 159 -8.65 -7.84 -0.60
C ASN A 159 -7.66 -9.00 -0.72
N LYS A 160 -6.65 -8.98 0.12
CA LYS A 160 -5.64 -10.01 0.16
C LYS A 160 -5.62 -10.57 1.57
N THR A 161 -5.22 -11.83 1.71
CA THR A 161 -5.15 -12.44 3.02
C THR A 161 -3.71 -12.74 3.36
N VAL A 162 -3.42 -12.80 4.66
CA VAL A 162 -2.10 -13.20 5.12
C VAL A 162 -1.74 -14.53 4.48
N GLY A 163 -0.51 -14.63 3.97
CA GLY A 163 -0.01 -15.79 3.28
C GLY A 163 -0.16 -15.73 1.76
N GLU A 164 -1.19 -15.05 1.27
CA GLU A 164 -1.37 -14.91 -0.16
C GLU A 164 -0.16 -14.21 -0.80
N LEU A 165 0.13 -14.59 -2.05
CA LEU A 165 1.26 -14.09 -2.81
C LEU A 165 0.91 -12.75 -3.46
N GLY A 166 1.65 -11.70 -3.12
CA GLY A 166 1.29 -10.34 -3.51
C GLY A 166 2.28 -9.72 -4.48
N ASP A 167 1.74 -8.93 -5.42
CA ASP A 167 2.54 -8.13 -6.35
C ASP A 167 2.64 -6.68 -5.84
N VAL A 168 3.87 -6.16 -5.71
CA VAL A 168 4.07 -4.81 -5.13
C VAL A 168 3.41 -3.74 -5.99
N ARG A 169 3.65 -3.77 -7.30
CA ARG A 169 3.03 -2.78 -8.18
C ARG A 169 1.50 -2.78 -8.03
N GLU A 170 0.89 -3.96 -7.95
CA GLU A 170 -0.57 -4.00 -7.79
C GLU A 170 -1.00 -3.47 -6.43
N THR A 171 -0.23 -3.77 -5.39
CA THR A 171 -0.56 -3.26 -4.07
C THR A 171 -0.47 -1.74 -4.03
N MET A 172 0.60 -1.17 -4.61
CA MET A 172 0.74 0.28 -4.63
C MET A 172 -0.41 0.91 -5.39
N SER A 173 -0.81 0.30 -6.50
CA SER A 173 -1.89 0.85 -7.32
C SER A 173 -3.20 0.90 -6.54
N TYR A 174 -3.53 -0.19 -5.84
CA TYR A 174 -4.70 -0.20 -4.96
C TYR A 174 -4.60 0.89 -3.91
N LEU A 175 -3.43 1.02 -3.29
CA LEU A 175 -3.25 2.03 -2.26
C LEU A 175 -3.39 3.44 -2.85
N PHE A 176 -2.80 3.67 -4.02
CA PHE A 176 -2.92 4.97 -4.69
C PHE A 176 -4.38 5.35 -4.92
N GLN A 177 -5.22 4.35 -5.23
CA GLN A 177 -6.63 4.64 -5.48
C GLN A 177 -7.35 5.13 -4.24
N HIS A 178 -6.80 4.85 -3.05
CA HIS A 178 -7.34 5.36 -1.81
C HIS A 178 -6.57 6.58 -1.30
N ALA A 179 -5.86 7.27 -2.18
CA ALA A 179 -5.05 8.42 -1.80
C ALA A 179 -5.45 9.63 -2.64
N ASN A 180 -5.07 10.81 -2.16
CA ASN A 180 -5.40 12.06 -2.85
C ASN A 180 -4.36 12.32 -3.93
N LEU A 181 -4.66 11.88 -5.15
CA LEU A 181 -3.82 12.11 -6.32
C LEU A 181 -4.54 12.93 -7.37
N ASP A 182 -5.49 13.78 -6.94
CA ASP A 182 -6.26 14.61 -7.86
C ASP A 182 -5.38 15.65 -8.56
N SER A 183 -4.47 16.29 -7.81
CA SER A 183 -3.56 17.26 -8.39
C SER A 183 -2.58 16.64 -9.37
N CYS A 184 -2.60 15.32 -9.56
CA CYS A 184 -1.61 14.65 -10.39
C CYS A 184 -2.08 14.61 -11.83
N LYS A 185 -1.19 14.94 -12.75
CA LYS A 185 -1.55 15.16 -14.14
C LYS A 185 -0.42 14.69 -15.03
N ARG A 186 -0.77 14.02 -16.12
CA ARG A 186 0.22 13.55 -17.09
C ARG A 186 -0.34 13.79 -18.49
N VAL A 187 0.39 14.57 -19.27
CA VAL A 187 0.04 14.85 -20.66
C VAL A 187 0.95 14.03 -21.54
N LEU A 188 0.37 13.30 -22.49
CA LEU A 188 1.11 12.43 -23.38
C LEU A 188 0.90 12.88 -24.82
N ASN A 189 1.81 12.47 -25.70
CA ASN A 189 1.67 12.72 -27.13
C ASN A 189 2.06 11.44 -27.86
N VAL A 190 1.21 11.02 -28.80
CA VAL A 190 1.47 9.85 -29.63
C VAL A 190 1.68 10.34 -31.06
N VAL A 191 2.72 9.85 -31.70
CA VAL A 191 3.10 10.25 -33.05
C VAL A 191 3.01 9.02 -33.94
N CYS A 192 1.97 8.98 -34.77
CA CYS A 192 1.85 7.98 -35.82
C CYS A 192 2.10 8.65 -37.17
N LYS A 193 2.87 7.96 -38.02
CA LYS A 193 3.22 8.53 -39.31
C LYS A 193 1.99 8.79 -40.17
N THR A 194 1.02 7.87 -40.14
CA THR A 194 -0.19 8.01 -40.95
C THR A 194 -1.26 8.81 -40.23
N CYS A 195 -1.61 8.42 -39.00
CA CYS A 195 -2.71 9.05 -38.29
C CYS A 195 -2.33 10.45 -37.83
N GLY A 196 -1.10 10.63 -37.36
CA GLY A 196 -0.62 11.95 -36.99
C GLY A 196 -0.19 12.11 -35.55
N GLN A 197 -0.73 13.14 -34.89
CA GLN A 197 -0.38 13.49 -33.52
C GLN A 197 -1.65 13.55 -32.69
N GLN A 198 -1.70 12.78 -31.61
CA GLN A 198 -2.81 12.81 -30.67
C GLN A 198 -2.27 12.99 -29.27
N GLN A 199 -2.91 13.89 -28.50
CA GLN A 199 -2.46 14.24 -27.17
C GLN A 199 -3.54 13.91 -26.16
N THR A 200 -3.18 13.13 -25.15
CA THR A 200 -4.10 12.75 -24.08
C THR A 200 -3.58 13.24 -22.75
N THR A 201 -4.51 13.46 -21.81
CA THR A 201 -4.17 13.87 -20.46
C THR A 201 -4.72 12.86 -19.47
N LEU A 202 -3.86 12.38 -18.57
CA LEU A 202 -4.26 11.46 -17.52
C LEU A 202 -4.26 12.18 -16.18
N LYS A 203 -5.17 11.77 -15.30
CA LYS A 203 -5.28 12.33 -13.95
C LYS A 203 -5.31 11.18 -12.94
N GLY A 204 -4.91 11.49 -11.71
CA GLY A 204 -5.01 10.51 -10.65
C GLY A 204 -3.99 9.40 -10.77
N VAL A 205 -4.40 8.20 -10.36
CA VAL A 205 -3.51 7.04 -10.28
C VAL A 205 -2.81 6.78 -11.60
N GLU A 206 -3.52 7.00 -12.71
CA GLU A 206 -2.95 6.75 -14.02
C GLU A 206 -1.85 7.73 -14.38
N ALA A 207 -1.82 8.89 -13.73
CA ALA A 207 -0.76 9.85 -14.01
C ALA A 207 0.56 9.50 -13.36
N VAL A 208 0.56 8.65 -12.31
CA VAL A 208 1.80 8.38 -11.58
C VAL A 208 2.37 7.01 -11.84
N MET A 209 1.69 6.21 -12.67
CA MET A 209 2.15 4.83 -12.90
C MET A 209 2.30 4.54 -14.39
N TYR A 210 3.38 3.87 -14.77
CA TYR A 210 3.55 3.40 -16.13
C TYR A 210 4.09 1.98 -16.08
N MET A 211 3.59 1.12 -16.97
CA MET A 211 4.07 -0.24 -17.16
C MET A 211 4.67 -0.37 -18.55
N GLY A 212 5.89 -0.90 -18.64
CA GLY A 212 6.58 -0.95 -19.91
C GLY A 212 8.08 -0.70 -19.82
N THR A 213 8.51 0.25 -19.01
CA THR A 213 9.94 0.48 -18.82
C THR A 213 10.20 0.95 -17.41
N LEU A 214 11.39 0.64 -16.92
CA LEU A 214 11.86 1.09 -15.63
C LEU A 214 12.46 2.49 -15.65
N SER A 215 12.81 2.99 -16.83
CA SER A 215 13.58 4.22 -16.95
C SER A 215 12.67 5.41 -17.16
N TYR A 216 12.67 6.35 -16.21
CA TYR A 216 11.96 7.61 -16.41
C TYR A 216 12.51 8.38 -17.61
N GLU A 217 13.83 8.40 -17.77
CA GLU A 217 14.42 9.07 -18.93
C GLU A 217 13.86 8.49 -20.22
N GLN A 218 13.91 7.17 -20.37
CA GLN A 218 13.37 6.53 -21.57
C GLN A 218 11.92 6.92 -21.81
N PHE A 219 11.15 7.04 -20.74
CA PHE A 219 9.76 7.49 -20.87
C PHE A 219 9.71 8.91 -21.43
N LYS A 220 10.63 9.77 -20.99
CA LYS A 220 10.65 11.14 -21.49
C LYS A 220 11.08 11.20 -22.95
N LYS A 221 12.05 10.35 -23.32
CA LYS A 221 12.53 10.31 -24.71
C LYS A 221 11.54 9.63 -25.65
N GLY A 222 10.60 8.86 -25.12
CA GLY A 222 9.63 8.18 -25.98
C GLY A 222 9.75 6.68 -25.97
N VAL A 223 8.62 5.99 -26.10
CA VAL A 223 8.57 4.54 -26.11
C VAL A 223 7.69 4.10 -27.28
N GLN A 224 7.94 2.87 -27.74
CA GLN A 224 7.29 2.34 -28.94
C GLN A 224 6.01 1.61 -28.55
N ILE A 225 4.87 2.19 -28.92
CA ILE A 225 3.58 1.57 -28.68
C ILE A 225 2.85 1.40 -30.01
N PRO A 226 2.17 0.29 -30.24
CA PRO A 226 1.44 0.10 -31.50
C PRO A 226 0.29 1.09 -31.61
N CYS A 227 0.06 1.58 -32.82
CA CYS A 227 -1.02 2.52 -33.07
C CYS A 227 -2.30 1.79 -33.46
N THR A 228 -3.43 2.51 -33.36
CA THR A 228 -4.71 1.97 -33.81
C THR A 228 -4.64 1.54 -35.27
N CYS A 229 -3.98 2.33 -36.11
CA CYS A 229 -3.78 1.96 -37.51
C CYS A 229 -2.86 0.75 -37.67
N GLY A 230 -1.99 0.50 -36.70
CA GLY A 230 -1.03 -0.58 -36.79
C GLY A 230 0.20 -0.24 -37.62
N GLN A 232 3.17 0.79 -35.17
CA GLN A 232 4.09 1.05 -34.08
C GLN A 232 4.39 2.54 -33.97
N ALA A 233 3.51 3.28 -33.27
CA ALA A 233 3.69 4.71 -33.06
C ALA A 233 4.68 4.95 -31.93
N THR A 234 4.82 6.20 -31.53
CA THR A 234 5.71 6.57 -30.43
C THR A 234 4.95 7.44 -29.44
N LYS A 235 5.00 7.06 -28.17
CA LYS A 235 4.42 7.84 -27.08
C LYS A 235 5.55 8.38 -26.22
N TYR A 236 5.46 9.67 -25.87
CA TYR A 236 6.48 10.29 -25.03
C TYR A 236 5.79 11.22 -24.04
N LEU A 237 6.49 11.48 -22.95
CA LEU A 237 5.94 12.31 -21.88
C LEU A 237 6.04 13.77 -22.28
N VAL A 238 4.90 14.47 -22.28
CA VAL A 238 4.85 15.89 -22.58
C VAL A 238 4.99 16.72 -21.32
N GLN A 239 4.16 16.45 -20.31
CA GLN A 239 4.20 17.17 -19.05
C GLN A 239 3.82 16.22 -17.93
N GLN A 240 4.53 16.31 -16.80
CA GLN A 240 4.27 15.49 -15.63
C GLN A 240 4.10 16.40 -14.41
N GLU A 241 3.08 16.12 -13.61
CA GLU A 241 2.73 16.98 -12.48
C GLU A 241 2.34 16.07 -11.30
N SER A 242 3.33 15.64 -10.53
CA SER A 242 3.10 14.74 -9.41
C SER A 242 4.31 14.77 -8.50
N PRO A 243 4.15 14.42 -7.22
CA PRO A 243 5.32 14.36 -6.32
C PRO A 243 6.25 13.19 -6.60
N PHE A 244 5.82 12.21 -7.40
CA PHE A 244 6.61 11.02 -7.71
C PHE A 244 5.99 10.38 -8.94
N VAL A 245 6.74 9.45 -9.53
CA VAL A 245 6.23 8.55 -10.55
C VAL A 245 6.74 7.14 -10.22
N MET A 246 5.94 6.16 -10.61
CA MET A 246 6.35 4.74 -10.46
C MET A 246 6.46 4.14 -11.87
N MET A 247 7.64 3.66 -12.22
CA MET A 247 7.89 3.00 -13.49
C MET A 247 8.06 1.52 -13.24
N SER A 248 7.32 0.69 -13.96
CA SER A 248 7.39 -0.75 -13.79
C SER A 248 7.61 -1.45 -15.14
N ALA A 249 8.17 -2.66 -15.04
CA ALA A 249 8.36 -3.55 -16.17
C ALA A 249 8.52 -4.96 -15.62
N PRO A 250 8.19 -5.99 -16.40
CA PRO A 250 8.44 -7.36 -15.94
C PRO A 250 9.90 -7.48 -15.52
N PRO A 251 10.18 -8.28 -14.49
CA PRO A 251 11.55 -8.33 -13.95
C PRO A 251 12.57 -8.60 -15.05
N ALA A 252 13.69 -7.89 -14.97
CA ALA A 252 14.81 -7.99 -15.91
C ALA A 252 16.02 -7.35 -15.26
N GLN A 253 17.21 -7.85 -15.61
CA GLN A 253 18.44 -7.29 -15.06
C GLN A 253 18.57 -5.82 -15.45
N TYR A 254 19.02 -5.01 -14.49
CA TYR A 254 18.95 -3.56 -14.63
C TYR A 254 19.97 -2.94 -13.70
N GLU A 255 20.57 -1.86 -14.15
CA GLU A 255 21.58 -1.16 -13.36
C GLU A 255 20.91 0.01 -12.66
N LEU A 256 21.09 0.09 -11.35
CA LEU A 256 20.60 1.21 -10.55
C LEU A 256 21.79 2.06 -10.13
N LYS A 257 21.74 3.35 -10.43
CA LYS A 257 22.84 4.27 -10.15
C LYS A 257 22.47 5.20 -9.00
N HIS A 258 23.35 5.30 -8.01
CA HIS A 258 23.14 6.15 -6.85
C HIS A 258 22.76 7.56 -7.28
N GLY A 259 21.74 8.13 -6.64
CA GLY A 259 21.31 9.49 -6.92
C GLY A 259 20.41 9.67 -8.12
N THR A 260 20.09 8.61 -8.86
CA THR A 260 19.25 8.75 -10.04
C THR A 260 17.81 8.26 -9.85
N PHE A 261 17.47 7.76 -8.67
CA PHE A 261 16.13 7.23 -8.40
C PHE A 261 15.93 7.31 -6.90
N THR A 262 14.67 7.24 -6.47
CA THR A 262 14.41 7.19 -5.03
C THR A 262 14.61 5.78 -4.47
N CYS A 263 13.94 4.80 -5.05
CA CYS A 263 13.93 3.44 -4.50
C CYS A 263 13.32 2.52 -5.55
N ALA A 264 13.48 1.21 -5.34
CA ALA A 264 13.17 0.22 -6.38
C ALA A 264 12.82 -1.14 -5.76
N SER A 265 11.98 -1.90 -6.48
CA SER A 265 11.62 -3.28 -6.12
C SER A 265 12.48 -4.26 -6.91
N GLU A 266 13.16 -5.13 -6.18
CA GLU A 266 13.92 -6.24 -6.81
C GLU A 266 13.08 -7.50 -6.65
N TYR A 267 12.91 -8.25 -7.73
CA TYR A 267 12.12 -9.48 -7.71
C TYR A 267 12.93 -10.62 -8.29
N THR A 268 13.15 -11.66 -7.49
CA THR A 268 13.92 -12.84 -7.86
C THR A 268 13.01 -14.06 -7.85
N GLY A 269 13.15 -14.92 -8.85
CA GLY A 269 12.49 -16.21 -8.85
C GLY A 269 11.31 -16.30 -9.79
N ASN A 270 10.47 -17.30 -9.55
CA ASN A 270 9.38 -17.58 -10.46
C ASN A 270 8.24 -16.59 -10.26
N TYR A 271 7.53 -16.32 -11.35
CA TYR A 271 6.25 -15.64 -11.33
C TYR A 271 5.43 -16.07 -10.11
N GLN A 272 4.97 -15.08 -9.35
CA GLN A 272 4.08 -15.24 -8.20
C GLN A 272 4.71 -15.84 -6.94
N CYS A 273 5.59 -16.83 -7.04
CA CYS A 273 6.14 -17.42 -5.82
C CYS A 273 7.62 -17.10 -5.62
N GLY A 274 8.09 -15.98 -6.18
CA GLY A 274 9.44 -15.49 -5.92
C GLY A 274 9.54 -14.69 -4.64
N HIS A 275 10.51 -13.78 -4.60
CA HIS A 275 10.76 -12.99 -3.40
C HIS A 275 11.20 -11.57 -3.77
N TYR A 276 10.63 -10.61 -3.08
CA TYR A 276 10.96 -9.20 -3.27
C TYR A 276 12.05 -8.76 -2.31
N LYS A 277 12.89 -7.85 -2.79
CA LYS A 277 13.78 -7.05 -1.95
C LYS A 277 13.62 -5.58 -2.35
N HIS A 278 14.10 -4.69 -1.49
CA HIS A 278 13.93 -3.25 -1.66
C HIS A 278 15.29 -2.56 -1.76
N ILE A 279 15.49 -1.79 -2.82
CA ILE A 279 16.71 -1.00 -3.01
C ILE A 279 16.34 0.47 -2.86
N THR A 280 17.12 1.18 -2.04
CA THR A 280 16.89 2.60 -1.81
C THR A 280 18.21 3.36 -1.95
N SER A 281 18.14 4.57 -2.55
CA SER A 281 19.31 5.40 -2.85
C SER A 281 19.46 6.45 -1.76
N LYS A 282 20.41 6.25 -0.85
CA LYS A 282 20.74 7.21 0.19
C LYS A 282 22.09 7.85 -0.16
N GLU A 283 23.04 7.96 0.77
CA GLU A 283 24.36 8.41 0.42
C GLU A 283 25.10 7.34 -0.36
N THR A 284 24.64 6.09 -0.23
CA THR A 284 25.03 4.99 -1.08
C THR A 284 23.78 4.11 -1.30
N LEU A 285 23.92 3.02 -2.05
CA LEU A 285 22.78 2.17 -2.34
C LEU A 285 22.62 1.13 -1.24
N TYR A 286 21.43 1.07 -0.66
CA TYR A 286 21.12 0.11 0.39
C TYR A 286 20.11 -0.90 -0.13
N CYS A 287 20.27 -2.15 0.29
CA CYS A 287 19.33 -3.23 -0.03
C CYS A 287 18.73 -3.73 1.26
N ILE A 288 17.41 -3.63 1.37
CA ILE A 288 16.68 -4.02 2.56
C ILE A 288 15.91 -5.28 2.22
N ASP A 289 16.23 -6.37 2.89
CA ASP A 289 15.58 -7.67 2.73
C ASP A 289 14.95 -8.02 4.06
N GLY A 290 13.72 -7.56 4.29
CA GLY A 290 13.11 -7.70 5.59
C GLY A 290 13.92 -7.08 6.71
N ALA A 291 14.58 -7.89 7.53
CA ALA A 291 15.42 -7.38 8.62
C ALA A 291 16.88 -7.22 8.23
N LEU A 292 17.27 -7.66 7.02
CA LEU A 292 18.65 -7.69 6.57
C LEU A 292 18.97 -6.45 5.74
N LEU A 293 20.17 -5.92 5.94
CA LEU A 293 20.62 -4.68 5.31
C LEU A 293 22.00 -4.89 4.72
N THR A 294 22.15 -4.64 3.41
CA THR A 294 23.44 -4.63 2.75
C THR A 294 23.57 -3.30 1.98
N LYS A 295 24.82 -2.91 1.71
CA LYS A 295 25.10 -1.65 1.02
C LYS A 295 26.15 -1.89 -0.05
N SER A 296 26.12 -1.05 -1.08
CA SER A 296 27.05 -1.16 -2.19
C SER A 296 26.96 0.10 -3.03
N SER A 297 28.06 0.43 -3.71
CA SER A 297 28.10 1.69 -4.44
C SER A 297 27.36 1.61 -5.76
N GLU A 298 27.31 0.42 -6.35
CA GLU A 298 26.56 0.18 -7.58
C GLU A 298 25.62 -0.99 -7.34
N TYR A 299 24.68 -1.16 -8.25
CA TYR A 299 23.74 -2.26 -8.15
C TYR A 299 23.34 -2.73 -9.54
N LYS A 300 23.45 -4.03 -9.77
CA LYS A 300 22.89 -4.66 -10.96
C LYS A 300 22.08 -5.88 -10.51
N GLY A 301 20.84 -5.98 -10.98
CA GLY A 301 19.97 -7.03 -10.52
C GLY A 301 18.60 -6.98 -11.18
N PRO A 302 17.75 -7.96 -10.86
CA PRO A 302 16.43 -8.05 -11.49
C PRO A 302 15.46 -7.10 -10.80
N ILE A 303 15.11 -6.03 -11.51
CA ILE A 303 14.31 -4.93 -10.97
C ILE A 303 12.99 -4.91 -11.71
N THR A 304 11.91 -4.62 -10.99
CA THR A 304 10.59 -4.58 -11.60
C THR A 304 9.80 -3.30 -11.34
N ASP A 305 10.12 -2.52 -10.30
CA ASP A 305 9.59 -1.19 -10.08
C ASP A 305 10.71 -0.23 -9.74
N VAL A 306 10.63 1.00 -10.23
CA VAL A 306 11.53 2.08 -9.82
C VAL A 306 10.69 3.31 -9.54
N PHE A 307 10.92 3.94 -8.38
CA PHE A 307 10.24 5.16 -7.98
C PHE A 307 11.17 6.36 -8.16
N TYR A 308 10.63 7.45 -8.70
CA TYR A 308 11.39 8.69 -8.89
C TYR A 308 10.63 9.86 -8.29
N LYS A 309 11.38 10.81 -7.75
CA LYS A 309 10.80 12.07 -7.32
C LYS A 309 10.47 12.96 -8.51
N GLU A 310 9.45 13.81 -8.32
CA GLU A 310 8.98 14.70 -9.35
C GLU A 310 8.30 15.90 -8.69
N ASN A 311 8.09 16.94 -9.48
CA ASN A 311 7.31 18.09 -9.04
C ASN A 311 6.50 18.59 -10.21
N SER A 312 7.20 19.13 -11.20
CA SER A 312 6.61 19.67 -12.41
C SER A 312 7.65 19.51 -13.50
N TYR A 313 7.30 18.80 -14.56
CA TYR A 313 8.19 18.58 -15.68
C TYR A 313 7.43 18.90 -16.96
N THR A 314 8.05 19.70 -17.81
CA THR A 314 7.55 19.98 -19.15
C THR A 314 8.64 19.63 -20.14
N THR A 315 8.27 18.91 -21.20
CA THR A 315 9.25 18.47 -22.18
C THR A 315 9.73 19.65 -23.03
N THR A 316 10.90 19.47 -23.64
CA THR A 316 11.46 20.42 -24.58
C THR A 316 11.43 19.91 -26.01
N ILE A 317 10.54 18.96 -26.31
CA ILE A 317 10.36 18.45 -27.66
C ILE A 317 9.32 19.32 -28.37
N LYS A 318 9.68 19.80 -29.56
CA LYS A 318 8.80 20.69 -30.32
C LYS A 318 7.72 19.89 -31.04
#